data_8ES5
#
_entry.id   8ES5
#
_cell.length_a   55.250
_cell.length_b   80.770
_cell.length_c   161.600
_cell.angle_alpha   90.000
_cell.angle_beta   90.000
_cell.angle_gamma   90.000
#
_symmetry.space_group_name_H-M   'I 2 2 2'
#
loop_
_entity.id
_entity.type
_entity.pdbx_description
1 polymer 'Activator of HSP90 ATPase'
2 water water
#
_entity_poly.entity_id   1
_entity_poly.type   'polypeptide(L)'
_entity_poly.pdbx_seq_one_letter_code
;MTAVAQVVAKAEMLIRRPIAEVFEAFVDPAITARFWFSRGDARLEAGKRLRWHWDMYGVSQEIEVKDLQTNRRILIEWPN
GDSNPSQVEWLFEELPGAGTFVSIRNSGFVGTPEEVIPRVVDATEGFTLVLAGLKACLEHGIALNLVADRFPRGLDGLEH
HHHHH
;
_entity_poly.pdbx_strand_id   A,B
#
# COMPACT_ATOMS: atom_id res chain seq x y z
N ALA A 5 -13.61 13.12 16.41
CA ALA A 5 -12.40 12.76 15.65
C ALA A 5 -12.66 11.77 14.48
N GLN A 6 -12.88 12.33 13.28
CA GLN A 6 -13.25 11.53 12.12
C GLN A 6 -12.24 10.45 11.82
N VAL A 7 -12.74 9.24 11.60
CA VAL A 7 -11.90 8.09 11.30
C VAL A 7 -11.66 8.07 9.80
N VAL A 8 -10.39 8.13 9.39
CA VAL A 8 -10.00 8.35 7.99
C VAL A 8 -8.97 7.29 7.59
N ALA A 9 -9.28 6.49 6.59
CA ALA A 9 -8.26 5.71 5.89
C ALA A 9 -7.51 6.63 4.93
N LYS A 10 -6.19 6.51 4.91
CA LYS A 10 -5.37 7.48 4.21
C LYS A 10 -4.17 6.79 3.56
N ALA A 11 -3.83 7.19 2.34
CA ALA A 11 -2.60 6.81 1.66
C ALA A 11 -2.09 8.03 0.90
N GLU A 12 -0.76 8.23 0.87
CA GLU A 12 -0.16 9.39 0.18
C GLU A 12 1.11 8.92 -0.53
N MET A 13 1.47 9.59 -1.64
CA MET A 13 2.66 9.22 -2.42
C MET A 13 3.08 10.39 -3.31
N LEU A 14 4.41 10.56 -3.47
CA LEU A 14 4.93 11.39 -4.55
C LEU A 14 4.91 10.61 -5.87
N ILE A 15 4.31 11.17 -6.91
CA ILE A 15 4.37 10.59 -8.26
C ILE A 15 5.26 11.50 -9.08
N ARG A 16 6.32 10.96 -9.65
CA ARG A 16 7.30 11.88 -10.23
C ARG A 16 6.95 12.18 -11.70
N ARG A 17 5.79 12.80 -11.90
CA ARG A 17 5.29 13.27 -13.19
C ARG A 17 4.54 14.58 -13.01
N PRO A 18 4.29 15.33 -14.10
CA PRO A 18 3.58 16.61 -13.96
C PRO A 18 2.14 16.44 -13.46
N ILE A 19 1.70 17.44 -12.69
CA ILE A 19 0.41 17.38 -12.01
C ILE A 19 -0.73 17.18 -13.00
N ALA A 20 -0.65 17.76 -14.20
CA ALA A 20 -1.76 17.61 -15.13
C ALA A 20 -1.93 16.15 -15.54
N GLU A 21 -0.82 15.43 -15.75
CA GLU A 21 -0.84 13.99 -16.04
C GLU A 21 -1.32 13.15 -14.86
N VAL A 22 -0.81 13.42 -13.65
CA VAL A 22 -1.21 12.62 -12.47
C VAL A 22 -2.71 12.84 -12.16
N PHE A 23 -3.21 14.07 -12.34
CA PHE A 23 -4.64 14.33 -12.15
C PHE A 23 -5.48 13.61 -13.21
N GLU A 24 -5.08 13.72 -14.48
CA GLU A 24 -5.79 13.04 -15.55
C GLU A 24 -5.85 11.51 -15.33
N ALA A 25 -4.83 10.93 -14.67
CA ALA A 25 -4.83 9.49 -14.45
C ALA A 25 -6.02 9.02 -13.62
N PHE A 26 -6.65 9.89 -12.82
CA PHE A 26 -7.90 9.57 -12.15
C PHE A 26 -9.17 10.04 -12.89
N VAL A 27 -9.05 10.99 -13.82
CA VAL A 27 -10.23 11.52 -14.53
C VAL A 27 -10.57 10.66 -15.73
N ASP A 28 -9.57 10.23 -16.47
CA ASP A 28 -9.77 9.45 -17.69
C ASP A 28 -9.72 7.96 -17.34
N PRO A 29 -10.83 7.23 -17.39
CA PRO A 29 -10.79 5.80 -17.01
C PRO A 29 -9.91 4.94 -17.93
N ALA A 30 -9.58 5.39 -19.15
CA ALA A 30 -8.69 4.55 -19.97
C ALA A 30 -7.29 4.49 -19.36
N ILE A 31 -6.93 5.48 -18.55
CA ILE A 31 -5.69 5.47 -17.77
C ILE A 31 -5.89 4.80 -16.42
N THR A 32 -6.97 5.13 -15.70
CA THR A 32 -7.17 4.56 -14.37
C THR A 32 -7.23 3.04 -14.43
N ALA A 33 -7.71 2.50 -15.55
CA ALA A 33 -7.87 1.06 -15.70
C ALA A 33 -6.54 0.33 -15.87
N ARG A 34 -5.43 1.07 -16.06
CA ARG A 34 -4.09 0.47 -16.05
C ARG A 34 -3.64 0.06 -14.66
N PHE A 35 -4.23 0.67 -13.60
CA PHE A 35 -3.76 0.40 -12.26
C PHE A 35 -4.87 0.24 -11.24
N TRP A 36 -6.15 0.45 -11.56
CA TRP A 36 -7.10 0.24 -10.47
C TRP A 36 -8.25 -0.72 -10.80
N PHE A 37 -9.30 -0.21 -11.44
CA PHE A 37 -10.45 -1.02 -11.79
C PHE A 37 -10.30 -1.49 -13.23
N SER A 38 -11.24 -2.31 -13.67
CA SER A 38 -11.17 -2.92 -14.99
C SER A 38 -11.56 -1.92 -16.07
N ARG A 39 -12.65 -1.17 -15.85
CA ARG A 39 -13.12 -0.20 -16.83
C ARG A 39 -14.02 0.77 -16.09
N GLY A 40 -14.11 2.00 -16.61
CA GLY A 40 -15.05 2.98 -16.10
C GLY A 40 -15.83 3.60 -17.24
N ASP A 41 -17.10 3.96 -16.96
CA ASP A 41 -18.02 4.36 -18.02
C ASP A 41 -17.66 5.69 -18.70
N ALA A 42 -17.01 6.63 -18.00
CA ALA A 42 -16.83 7.96 -18.58
C ALA A 42 -15.78 8.74 -17.81
N ARG A 43 -15.35 9.87 -18.39
CA ARG A 43 -14.44 10.80 -17.71
C ARG A 43 -15.15 11.39 -16.49
N LEU A 44 -14.44 11.57 -15.38
CA LEU A 44 -15.02 12.25 -14.23
C LEU A 44 -15.36 13.69 -14.60
N GLU A 45 -16.54 14.16 -14.18
CA GLU A 45 -16.93 15.56 -14.22
C GLU A 45 -17.82 15.86 -13.02
N ALA A 46 -17.78 17.12 -12.57
CA ALA A 46 -18.56 17.50 -11.40
C ALA A 46 -20.04 17.15 -11.59
N GLY A 47 -20.59 16.48 -10.58
CA GLY A 47 -22.01 16.22 -10.51
C GLY A 47 -22.46 14.98 -11.22
N LYS A 48 -21.56 14.31 -11.90
CA LYS A 48 -21.89 13.15 -12.71
C LYS A 48 -21.94 11.86 -11.89
N ARG A 49 -22.93 11.01 -12.22
CA ARG A 49 -22.99 9.62 -11.75
C ARG A 49 -22.48 8.69 -12.84
N LEU A 50 -21.70 7.69 -12.45
CA LEU A 50 -21.16 6.74 -13.42
C LEU A 50 -20.75 5.48 -12.68
N ARG A 51 -20.39 4.46 -13.47
CA ARG A 51 -20.04 3.18 -12.88
C ARG A 51 -18.56 2.84 -13.12
N TRP A 52 -17.93 2.30 -12.08
CA TRP A 52 -16.60 1.67 -12.15
C TRP A 52 -16.78 0.15 -11.99
N HIS A 53 -16.09 -0.63 -12.83
CA HIS A 53 -16.24 -2.08 -12.83
C HIS A 53 -14.92 -2.77 -12.48
N TRP A 54 -14.99 -3.78 -11.62
CA TRP A 54 -13.85 -4.65 -11.32
C TRP A 54 -14.16 -6.03 -11.89
N ASP A 55 -13.85 -6.22 -13.18
CA ASP A 55 -14.20 -7.46 -13.87
C ASP A 55 -13.55 -8.66 -13.21
N MET A 56 -12.42 -8.48 -12.55
CA MET A 56 -11.76 -9.65 -12.00
C MET A 56 -12.36 -10.05 -10.65
N TYR A 57 -13.29 -9.26 -10.15
CA TYR A 57 -14.16 -9.63 -9.04
C TYR A 57 -15.58 -9.58 -9.56
N GLY A 58 -16.55 -9.72 -8.69
CA GLY A 58 -17.85 -9.72 -9.35
C GLY A 58 -18.53 -8.37 -9.50
N VAL A 59 -17.77 -7.28 -9.31
CA VAL A 59 -18.24 -6.09 -8.63
C VAL A 59 -18.21 -4.89 -9.56
N SER A 60 -19.30 -4.12 -9.57
CA SER A 60 -19.22 -2.74 -10.04
C SER A 60 -19.84 -1.81 -9.01
N GLN A 61 -19.58 -0.50 -9.14
CA GLN A 61 -20.12 0.43 -8.15
C GLN A 61 -20.51 1.71 -8.85
N GLU A 62 -21.74 2.18 -8.59
CA GLU A 62 -22.11 3.51 -9.07
C GLU A 62 -21.50 4.53 -8.14
N ILE A 63 -20.88 5.57 -8.70
CA ILE A 63 -20.29 6.61 -7.89
C ILE A 63 -20.85 7.95 -8.36
N GLU A 64 -20.68 8.96 -7.52
CA GLU A 64 -21.10 10.31 -7.86
C GLU A 64 -19.92 11.23 -7.59
N VAL A 65 -19.54 12.01 -8.60
CA VAL A 65 -18.51 13.02 -8.45
C VAL A 65 -19.11 14.22 -7.70
N LYS A 66 -18.69 14.41 -6.47
CA LYS A 66 -19.26 15.50 -5.69
C LYS A 66 -18.48 16.79 -5.86
N ASP A 67 -17.18 16.70 -6.16
CA ASP A 67 -16.37 17.89 -6.41
C ASP A 67 -15.23 17.51 -7.35
N LEU A 68 -14.90 18.43 -8.25
CA LEU A 68 -13.82 18.19 -9.20
C LEU A 68 -13.15 19.54 -9.45
N GLN A 69 -11.97 19.75 -8.86
CA GLN A 69 -11.22 20.98 -9.15
C GLN A 69 -9.95 20.60 -9.88
N THR A 70 -9.76 21.17 -11.06
CA THR A 70 -8.76 20.63 -11.97
C THR A 70 -7.38 20.72 -11.31
N ASN A 71 -6.66 19.60 -11.36
CA ASN A 71 -5.31 19.49 -10.80
C ASN A 71 -5.23 19.81 -9.32
N ARG A 72 -6.34 19.72 -8.57
CA ARG A 72 -6.28 20.05 -7.14
C ARG A 72 -7.04 19.04 -6.27
N ARG A 73 -8.26 18.67 -6.71
CA ARG A 73 -9.13 17.87 -5.85
C ARG A 73 -10.18 17.12 -6.65
N ILE A 74 -10.46 15.91 -6.17
CA ILE A 74 -11.54 15.04 -6.61
C ILE A 74 -12.23 14.53 -5.35
N LEU A 75 -13.54 14.70 -5.28
CA LEU A 75 -14.31 14.11 -4.19
C LEU A 75 -15.44 13.29 -4.78
N ILE A 76 -15.47 12.01 -4.45
CA ILE A 76 -16.55 11.21 -5.02
C ILE A 76 -17.24 10.51 -3.84
N GLU A 77 -18.50 10.16 -4.06
CA GLU A 77 -19.31 9.52 -3.03
C GLU A 77 -19.88 8.22 -3.58
N TRP A 78 -19.98 7.19 -2.72
CA TRP A 78 -20.77 6.01 -3.08
C TRP A 78 -22.18 6.13 -2.52
N PRO A 79 -23.24 6.05 -3.35
CA PRO A 79 -24.62 6.09 -2.84
C PRO A 79 -25.01 4.86 -2.01
N PRO A 85 -23.33 7.09 2.75
CA PRO A 85 -22.54 8.25 2.29
C PRO A 85 -21.01 8.17 2.53
N SER A 86 -20.39 7.06 2.14
CA SER A 86 -18.93 6.97 2.21
C SER A 86 -18.32 7.80 1.09
N GLN A 87 -17.25 8.52 1.41
CA GLN A 87 -16.67 9.46 0.47
C GLN A 87 -15.18 9.21 0.41
N VAL A 88 -14.59 9.58 -0.72
CA VAL A 88 -13.15 9.47 -0.92
C VAL A 88 -12.64 10.72 -1.59
N GLU A 89 -11.66 11.37 -0.98
CA GLU A 89 -11.15 12.64 -1.47
C GLU A 89 -9.72 12.43 -1.97
N TRP A 90 -9.41 12.91 -3.17
CA TRP A 90 -8.04 13.02 -3.67
C TRP A 90 -7.61 14.48 -3.65
N LEU A 91 -6.42 14.72 -3.12
CA LEU A 91 -5.80 16.04 -3.11
C LEU A 91 -4.48 15.95 -3.86
N PHE A 92 -4.21 16.91 -4.73
CA PHE A 92 -2.97 16.90 -5.52
C PHE A 92 -2.20 18.20 -5.26
N GLU A 93 -0.92 18.08 -4.89
CA GLU A 93 -0.10 19.27 -4.67
C GLU A 93 1.19 19.14 -5.47
N GLU A 94 1.59 20.19 -6.14
CA GLU A 94 2.82 20.14 -6.90
C GLU A 94 4.03 20.24 -5.98
N LEU A 95 5.06 19.41 -6.21
CA LEU A 95 6.35 19.58 -5.56
C LEU A 95 7.27 20.06 -6.67
N PRO A 96 7.55 21.36 -6.77
CA PRO A 96 8.18 21.89 -8.00
C PRO A 96 9.52 21.23 -8.29
N GLY A 97 9.73 20.87 -9.56
CA GLY A 97 10.91 20.21 -10.00
C GLY A 97 10.89 18.71 -9.89
N ALA A 98 9.99 18.13 -9.10
CA ALA A 98 10.11 16.71 -8.82
C ALA A 98 8.82 15.96 -9.14
N GLY A 99 7.66 16.58 -9.00
CA GLY A 99 6.46 15.80 -9.31
C GLY A 99 5.23 16.27 -8.54
N THR A 100 4.37 15.31 -8.25
CA THR A 100 3.02 15.54 -7.76
C THR A 100 2.82 14.69 -6.52
N PHE A 101 2.48 15.32 -5.40
CA PHE A 101 2.17 14.60 -4.18
C PHE A 101 0.66 14.38 -4.12
N VAL A 102 0.25 13.12 -4.07
CA VAL A 102 -1.17 12.74 -4.11
C VAL A 102 -1.56 12.20 -2.76
N SER A 103 -2.70 12.66 -2.22
CA SER A 103 -3.19 12.20 -0.93
C SER A 103 -4.63 11.72 -1.10
N ILE A 104 -4.91 10.50 -0.67
CA ILE A 104 -6.26 9.92 -0.72
C ILE A 104 -6.80 9.76 0.71
N ARG A 105 -7.99 10.29 0.95
CA ARG A 105 -8.60 10.14 2.26
C ARG A 105 -10.01 9.59 2.07
N ASN A 106 -10.36 8.57 2.85
CA ASN A 106 -11.61 7.84 2.76
C ASN A 106 -12.29 7.91 4.12
N SER A 107 -13.48 8.47 4.13
CA SER A 107 -14.22 8.69 5.37
C SER A 107 -15.63 8.12 5.24
N GLY A 108 -16.32 8.03 6.37
CA GLY A 108 -17.64 7.44 6.42
C GLY A 108 -17.75 6.09 7.11
N PHE A 109 -16.79 5.72 7.95
CA PHE A 109 -16.83 4.45 8.68
C PHE A 109 -17.72 4.61 9.91
N VAL A 110 -18.82 3.88 9.96
CA VAL A 110 -19.75 3.95 11.08
C VAL A 110 -19.80 2.59 11.76
N GLY A 111 -19.87 2.62 13.09
CA GLY A 111 -19.90 1.42 13.89
C GLY A 111 -19.03 1.54 15.13
N THR A 112 -19.00 0.48 15.93
CA THR A 112 -18.06 0.42 17.04
C THR A 112 -16.65 0.59 16.50
N PRO A 113 -15.85 1.47 17.05
CA PRO A 113 -14.41 1.39 16.77
C PRO A 113 -13.87 0.13 17.40
N GLU A 114 -13.62 -0.86 16.54
CA GLU A 114 -13.29 -2.25 16.83
C GLU A 114 -13.94 -3.05 15.70
N GLU A 115 -15.17 -2.67 15.33
CA GLU A 115 -15.65 -3.08 14.02
C GLU A 115 -15.11 -2.20 12.91
N VAL A 116 -14.65 -0.98 13.20
CA VAL A 116 -14.14 -0.14 12.10
C VAL A 116 -12.64 -0.33 11.87
N ILE A 117 -11.87 -0.67 12.90
CA ILE A 117 -10.43 -0.87 12.70
C ILE A 117 -10.16 -1.79 11.52
N PRO A 118 -10.75 -2.98 11.40
CA PRO A 118 -10.53 -3.79 10.19
C PRO A 118 -10.98 -3.11 8.90
N ARG A 119 -12.08 -2.35 8.93
CA ARG A 119 -12.50 -1.67 7.71
C ARG A 119 -11.51 -0.60 7.33
N VAL A 120 -10.98 0.13 8.31
CA VAL A 120 -10.01 1.17 8.02
C VAL A 120 -8.72 0.55 7.51
N VAL A 121 -8.35 -0.61 8.06
CA VAL A 121 -7.17 -1.33 7.57
C VAL A 121 -7.33 -1.68 6.10
N ASP A 122 -8.46 -2.29 5.76
CA ASP A 122 -8.67 -2.73 4.40
C ASP A 122 -8.68 -1.56 3.42
N ALA A 123 -9.34 -0.45 3.79
CA ALA A 123 -9.39 0.71 2.91
C ALA A 123 -8.01 1.34 2.75
N THR A 124 -7.24 1.43 3.82
CA THR A 124 -5.89 1.99 3.73
C THR A 124 -5.01 1.17 2.82
N GLU A 125 -4.99 -0.16 3.04
CA GLU A 125 -4.21 -0.98 2.13
C GLU A 125 -4.72 -0.81 0.70
N GLY A 126 -6.03 -0.78 0.49
CA GLY A 126 -6.50 -0.70 -0.89
C GLY A 126 -6.07 0.60 -1.58
N PHE A 127 -6.17 1.75 -0.88
CA PHE A 127 -5.76 2.97 -1.57
C PHE A 127 -4.25 3.07 -1.67
N THR A 128 -3.52 2.44 -0.74
CA THR A 128 -2.07 2.39 -0.91
C THR A 128 -1.72 1.62 -2.18
N LEU A 129 -2.43 0.50 -2.41
CA LEU A 129 -2.26 -0.23 -3.67
C LEU A 129 -2.56 0.64 -4.90
N VAL A 130 -3.62 1.42 -4.86
CA VAL A 130 -3.97 2.31 -5.97
C VAL A 130 -2.80 3.27 -6.26
N LEU A 131 -2.22 3.87 -5.23
CA LEU A 131 -1.11 4.80 -5.49
C LEU A 131 0.18 4.11 -5.98
N ALA A 132 0.53 2.97 -5.39
CA ALA A 132 1.71 2.27 -5.86
C ALA A 132 1.54 1.82 -7.30
N GLY A 133 0.34 1.36 -7.68
CA GLY A 133 0.11 0.99 -9.07
C GLY A 133 0.18 2.21 -9.99
N LEU A 134 -0.40 3.32 -9.52
CA LEU A 134 -0.31 4.59 -10.24
C LEU A 134 1.13 4.96 -10.50
N LYS A 135 1.96 4.88 -9.46
CA LYS A 135 3.38 5.25 -9.59
C LYS A 135 4.10 4.37 -10.59
N ALA A 136 3.92 3.05 -10.51
CA ALA A 136 4.58 2.13 -11.44
C ALA A 136 4.15 2.38 -12.86
N CYS A 137 2.85 2.68 -13.04
CA CYS A 137 2.32 2.91 -14.38
C CYS A 137 2.91 4.19 -14.98
N LEU A 138 2.85 5.29 -14.24
CA LEU A 138 3.26 6.58 -14.79
C LEU A 138 4.78 6.75 -14.81
N GLU A 139 5.50 6.19 -13.84
CA GLU A 139 6.93 6.43 -13.82
C GLU A 139 7.70 5.35 -14.58
N HIS A 140 7.14 4.12 -14.68
CA HIS A 140 7.87 3.03 -15.33
C HIS A 140 7.17 2.42 -16.54
N GLY A 141 5.92 2.77 -16.83
CA GLY A 141 5.15 2.07 -17.85
C GLY A 141 4.89 0.59 -17.57
N ILE A 142 4.78 0.21 -16.32
CA ILE A 142 4.64 -1.18 -15.92
C ILE A 142 3.24 -1.36 -15.31
N ALA A 143 2.58 -2.47 -15.63
CA ALA A 143 1.33 -2.82 -14.96
C ALA A 143 1.67 -3.77 -13.81
N LEU A 144 1.53 -3.31 -12.58
CA LEU A 144 1.97 -4.12 -11.46
C LEU A 144 0.95 -5.12 -11.03
N ASN A 145 -0.32 -4.93 -11.42
CA ASN A 145 -1.41 -5.88 -11.14
C ASN A 145 -1.64 -6.04 -9.63
N LEU A 146 -1.40 -4.98 -8.82
CA LEU A 146 -1.61 -5.09 -7.38
C LEU A 146 -3.07 -5.38 -7.02
N VAL A 147 -4.02 -4.78 -7.73
CA VAL A 147 -5.42 -4.99 -7.36
C VAL A 147 -5.85 -6.45 -7.56
N ALA A 148 -5.54 -7.02 -8.72
CA ALA A 148 -5.91 -8.42 -8.96
C ALA A 148 -5.21 -9.37 -8.02
N ASP A 149 -3.91 -9.15 -7.81
CA ASP A 149 -3.13 -10.13 -7.08
C ASP A 149 -3.30 -10.02 -5.56
N ARG A 150 -4.01 -9.01 -5.08
CA ARG A 150 -4.31 -8.95 -3.64
C ARG A 150 -5.26 -10.08 -3.25
N PHE A 151 -6.16 -10.46 -4.15
CA PHE A 151 -7.18 -11.48 -3.88
C PHE A 151 -7.12 -12.51 -4.98
N PRO A 152 -6.07 -13.32 -5.03
CA PRO A 152 -5.96 -14.34 -6.08
C PRO A 152 -6.93 -15.48 -5.85
N ARG A 153 -7.34 -16.10 -6.94
CA ARG A 153 -8.10 -17.34 -6.88
C ARG A 153 -7.40 -18.38 -6.01
N GLY A 154 -8.20 -19.20 -5.37
CA GLY A 154 -7.66 -20.19 -4.50
C GLY A 154 -7.21 -19.64 -3.19
N LEU A 155 -7.51 -18.37 -2.89
CA LEU A 155 -7.13 -17.81 -1.61
C LEU A 155 -7.96 -18.53 -0.56
N ALA B 5 -8.32 -10.99 21.15
CA ALA B 5 -8.83 -9.81 20.48
C ALA B 5 -7.78 -8.71 20.48
N GLN B 6 -7.10 -8.51 19.33
CA GLN B 6 -6.04 -7.51 19.23
C GLN B 6 -6.16 -6.73 17.92
N VAL B 7 -5.61 -5.52 17.94
CA VAL B 7 -5.59 -4.67 16.76
C VAL B 7 -4.37 -5.02 15.93
N VAL B 8 -4.57 -5.24 14.64
CA VAL B 8 -3.51 -5.66 13.74
C VAL B 8 -3.50 -4.73 12.54
N ALA B 9 -2.34 -4.17 12.22
CA ALA B 9 -2.16 -3.62 10.90
C ALA B 9 -1.72 -4.77 10.02
N LYS B 10 -2.23 -4.81 8.80
CA LYS B 10 -1.90 -5.99 8.02
C LYS B 10 -1.96 -5.68 6.54
N ALA B 11 -1.05 -6.31 5.79
CA ALA B 11 -0.98 -6.18 4.35
C ALA B 11 -0.70 -7.58 3.78
N GLU B 12 -1.27 -7.88 2.63
CA GLU B 12 -1.06 -9.21 2.03
C GLU B 12 -0.92 -9.03 0.52
N MET B 13 -0.17 -9.92 -0.14
CA MET B 13 -0.01 -9.81 -1.61
C MET B 13 0.54 -11.12 -2.16
N LEU B 14 0.05 -11.52 -3.35
CA LEU B 14 0.67 -12.55 -4.16
C LEU B 14 1.90 -12.01 -4.89
N ILE B 15 3.00 -12.72 -4.74
CA ILE B 15 4.25 -12.43 -5.43
C ILE B 15 4.49 -13.58 -6.36
N ARG B 16 4.57 -13.30 -7.65
CA ARG B 16 4.62 -14.41 -8.62
C ARG B 16 6.06 -14.84 -8.87
N ARG B 17 6.68 -15.38 -7.82
CA ARG B 17 7.99 -16.02 -7.87
C ARG B 17 7.99 -17.17 -6.88
N PRO B 18 8.97 -18.09 -6.97
CA PRO B 18 8.97 -19.25 -6.05
C PRO B 18 9.20 -18.85 -4.61
N ILE B 19 8.59 -19.64 -3.73
CA ILE B 19 8.58 -19.26 -2.31
C ILE B 19 10.00 -19.04 -1.79
N ALA B 20 10.98 -19.86 -2.23
CA ALA B 20 12.31 -19.73 -1.65
C ALA B 20 12.92 -18.36 -1.95
N GLU B 21 12.64 -17.82 -3.11
CA GLU B 21 13.16 -16.51 -3.52
C GLU B 21 12.42 -15.38 -2.80
N VAL B 22 11.11 -15.52 -2.64
CA VAL B 22 10.33 -14.52 -1.97
C VAL B 22 10.72 -14.46 -0.49
N PHE B 23 10.94 -15.63 0.15
CA PHE B 23 11.39 -15.68 1.55
C PHE B 23 12.78 -15.06 1.70
N GLU B 24 13.70 -15.37 0.81
CA GLU B 24 15.08 -14.91 0.86
C GLU B 24 15.19 -13.42 0.68
N ALA B 25 14.16 -12.82 0.06
CA ALA B 25 14.18 -11.37 -0.15
C ALA B 25 14.07 -10.62 1.17
N PHE B 26 13.53 -11.27 2.20
CA PHE B 26 13.50 -10.66 3.52
C PHE B 26 14.66 -11.06 4.42
N VAL B 27 15.38 -12.14 4.11
CA VAL B 27 16.49 -12.61 4.93
C VAL B 27 17.82 -11.91 4.56
N ASP B 28 18.03 -11.61 3.27
CA ASP B 28 19.30 -11.08 2.78
C ASP B 28 19.12 -9.58 2.62
N PRO B 29 19.81 -8.75 3.39
CA PRO B 29 19.61 -7.29 3.26
C PRO B 29 20.09 -6.75 1.93
N ALA B 30 21.00 -7.45 1.25
CA ALA B 30 21.35 -6.99 -0.09
C ALA B 30 20.15 -7.09 -1.04
N ILE B 31 19.14 -7.90 -0.73
CA ILE B 31 17.89 -7.94 -1.50
C ILE B 31 16.86 -6.99 -0.90
N THR B 32 16.67 -7.08 0.43
CA THR B 32 15.62 -6.27 1.06
C THR B 32 15.83 -4.79 0.80
N ALA B 33 17.08 -4.35 0.78
CA ALA B 33 17.38 -2.93 0.55
C ALA B 33 16.92 -2.43 -0.81
N ARG B 34 16.63 -3.32 -1.76
CA ARG B 34 16.16 -2.91 -3.08
C ARG B 34 14.73 -2.41 -3.02
N PHE B 35 14.01 -2.72 -1.95
CA PHE B 35 12.60 -2.29 -1.89
C PHE B 35 12.18 -1.77 -0.53
N TRP B 36 13.01 -1.89 0.54
CA TRP B 36 12.49 -1.37 1.80
C TRP B 36 13.44 -0.38 2.49
N PHE B 37 14.33 -0.88 3.33
CA PHE B 37 15.20 -0.01 4.09
C PHE B 37 16.42 0.26 3.25
N SER B 38 17.31 1.17 3.73
CA SER B 38 18.59 1.46 3.08
C SER B 38 19.62 0.33 3.25
N ARG B 39 19.73 -0.20 4.46
CA ARG B 39 20.69 -1.25 4.71
C ARG B 39 20.31 -1.99 6.00
N GLY B 40 20.79 -3.20 6.10
CA GLY B 40 20.60 -4.00 7.30
C GLY B 40 21.92 -4.65 7.61
N ASP B 41 22.28 -4.70 8.89
CA ASP B 41 23.68 -5.03 9.11
C ASP B 41 23.92 -6.52 9.39
N ALA B 42 22.92 -7.38 9.18
CA ALA B 42 23.17 -8.82 9.10
C ALA B 42 22.07 -9.52 8.32
N ARG B 43 22.40 -10.74 7.86
CA ARG B 43 21.40 -11.65 7.36
C ARG B 43 20.51 -12.11 8.54
N LEU B 44 19.20 -12.25 8.30
CA LEU B 44 18.31 -12.63 9.40
C LEU B 44 18.61 -14.06 9.80
N GLU B 45 18.75 -14.32 11.09
CA GLU B 45 18.84 -15.68 11.65
C GLU B 45 18.07 -15.74 12.95
N ALA B 46 17.59 -16.94 13.31
CA ALA B 46 16.86 -17.09 14.56
C ALA B 46 17.68 -16.56 15.72
N GLY B 47 17.07 -15.66 16.52
CA GLY B 47 17.66 -15.10 17.70
C GLY B 47 18.58 -13.93 17.47
N LYS B 48 18.89 -13.59 16.24
CA LYS B 48 19.79 -12.48 15.95
C LYS B 48 19.22 -11.12 16.35
N ARG B 49 20.10 -10.27 16.90
CA ARG B 49 19.86 -8.85 17.12
C ARG B 49 20.62 -8.09 16.02
N LEU B 50 19.95 -7.12 15.42
CA LEU B 50 20.18 -6.59 14.09
C LEU B 50 19.74 -5.17 14.12
N ARG B 51 20.36 -4.34 13.29
CA ARG B 51 19.85 -3.00 13.04
C ARG B 51 19.51 -2.89 11.57
N TRP B 52 18.35 -2.26 11.29
CA TRP B 52 17.96 -1.80 9.99
C TRP B 52 17.96 -0.27 9.95
N HIS B 53 18.34 0.30 8.81
CA HIS B 53 18.64 1.73 8.65
C HIS B 53 17.84 2.29 7.48
N TRP B 54 17.24 3.45 7.70
CA TRP B 54 16.54 4.17 6.65
C TRP B 54 17.37 5.46 6.55
N ASP B 55 18.42 5.40 5.73
CA ASP B 55 19.35 6.53 5.64
C ASP B 55 18.68 7.76 5.05
N MET B 56 17.74 7.56 4.12
CA MET B 56 16.96 8.67 3.56
C MET B 56 16.21 9.47 4.62
N TYR B 57 15.89 8.85 5.76
CA TYR B 57 15.16 9.52 6.82
C TYR B 57 16.00 9.73 8.07
N GLY B 58 17.24 9.24 8.10
CA GLY B 58 18.06 9.41 9.29
C GLY B 58 17.56 8.60 10.46
N VAL B 59 16.98 7.43 10.18
CA VAL B 59 16.31 6.60 11.19
C VAL B 59 16.90 5.20 11.11
N SER B 60 17.04 4.58 12.27
CA SER B 60 17.52 3.21 12.28
C SER B 60 16.87 2.51 13.47
N GLN B 61 16.55 1.22 13.32
CA GLN B 61 15.86 0.52 14.37
C GLN B 61 16.53 -0.83 14.66
N GLU B 62 16.74 -1.10 15.93
CA GLU B 62 17.24 -2.40 16.34
C GLU B 62 16.08 -3.38 16.40
N ILE B 63 16.28 -4.57 15.85
CA ILE B 63 15.23 -5.57 15.82
C ILE B 63 15.78 -6.89 16.34
N GLU B 64 14.89 -7.76 16.80
CA GLU B 64 15.27 -9.11 17.24
C GLU B 64 14.43 -10.14 16.49
N VAL B 65 15.09 -11.12 15.92
CA VAL B 65 14.41 -12.19 15.20
C VAL B 65 13.94 -13.21 16.25
N LYS B 66 12.64 -13.25 16.50
CA LYS B 66 12.07 -14.19 17.47
C LYS B 66 11.82 -15.57 16.86
N ASP B 67 11.59 -15.65 15.56
CA ASP B 67 11.29 -16.93 14.93
C ASP B 67 11.64 -16.79 13.47
N LEU B 68 12.27 -17.83 12.92
CA LEU B 68 12.59 -17.88 11.49
C LEU B 68 12.33 -19.30 11.04
N GLN B 69 11.27 -19.50 10.24
CA GLN B 69 10.95 -20.83 9.73
C GLN B 69 11.09 -20.73 8.22
N THR B 70 12.07 -21.45 7.69
CA THR B 70 12.50 -21.27 6.30
C THR B 70 11.28 -21.44 5.41
N ASN B 71 11.08 -20.49 4.50
CA ASN B 71 9.99 -20.46 3.54
C ASN B 71 8.61 -20.51 4.20
N ARG B 72 8.51 -20.21 5.50
CA ARG B 72 7.15 -20.26 6.07
C ARG B 72 6.80 -19.05 6.93
N ARG B 73 7.73 -18.58 7.77
CA ARG B 73 7.33 -17.57 8.73
C ARG B 73 8.56 -16.83 9.22
N ILE B 74 8.42 -15.51 9.40
CA ILE B 74 9.39 -14.66 10.08
C ILE B 74 8.64 -13.88 11.17
N LEU B 75 9.20 -13.84 12.37
CA LEU B 75 8.63 -13.07 13.47
C LEU B 75 9.75 -12.22 14.02
N ILE B 76 9.58 -10.89 13.96
CA ILE B 76 10.53 -9.89 14.47
C ILE B 76 9.87 -9.12 15.58
N GLU B 77 10.68 -8.69 16.54
CA GLU B 77 10.25 -7.82 17.62
C GLU B 77 11.12 -6.56 17.64
N TRP B 78 10.48 -5.41 17.91
CA TRP B 78 11.13 -4.12 18.24
C TRP B 78 10.87 -3.82 19.71
N PRO B 79 11.88 -3.41 20.51
CA PRO B 79 11.65 -2.97 21.90
C PRO B 79 10.86 -1.66 22.10
N PRO B 85 6.35 -3.81 23.35
CA PRO B 85 7.07 -4.56 22.31
C PRO B 85 6.25 -4.81 21.04
N SER B 86 6.43 -4.01 20.00
CA SER B 86 5.74 -4.30 18.76
C SER B 86 6.37 -5.51 18.06
N GLN B 87 5.53 -6.24 17.35
CA GLN B 87 5.92 -7.47 16.67
C GLN B 87 5.42 -7.37 15.24
N VAL B 88 6.21 -7.91 14.32
CA VAL B 88 5.75 -8.09 12.94
C VAL B 88 5.92 -9.55 12.53
N GLU B 89 4.86 -10.14 11.99
CA GLU B 89 4.83 -11.51 11.46
C GLU B 89 4.65 -11.49 9.94
N TRP B 90 5.56 -12.15 9.23
CA TRP B 90 5.41 -12.50 7.83
C TRP B 90 5.00 -13.97 7.80
N LEU B 91 3.96 -14.29 7.02
CA LEU B 91 3.63 -15.67 6.69
C LEU B 91 3.74 -15.81 5.17
N PHE B 92 4.31 -16.93 4.72
CA PHE B 92 4.53 -17.22 3.31
C PHE B 92 3.85 -18.54 2.95
N GLU B 93 3.04 -18.52 1.90
CA GLU B 93 2.28 -19.72 1.54
C GLU B 93 2.25 -19.90 0.03
N GLU B 94 2.58 -21.09 -0.40
CA GLU B 94 2.66 -21.40 -1.81
C GLU B 94 1.22 -21.44 -2.32
N LEU B 95 0.94 -20.70 -3.40
CA LEU B 95 -0.32 -20.81 -4.13
C LEU B 95 0.09 -21.50 -5.41
N PRO B 96 0.00 -22.82 -5.47
CA PRO B 96 0.79 -23.58 -6.50
C PRO B 96 0.50 -23.15 -7.94
N GLY B 97 -0.79 -22.90 -8.25
CA GLY B 97 -1.15 -22.35 -9.54
C GLY B 97 -0.85 -20.87 -9.77
N ALA B 98 -0.28 -20.16 -8.79
CA ALA B 98 -0.04 -18.71 -8.92
C ALA B 98 1.31 -18.20 -8.41
N GLY B 99 1.80 -18.72 -7.29
CA GLY B 99 2.99 -18.08 -6.70
C GLY B 99 2.97 -18.19 -5.18
N THR B 100 3.53 -17.20 -4.55
CA THR B 100 3.77 -17.12 -3.10
C THR B 100 2.89 -16.01 -2.51
N PHE B 101 1.92 -16.39 -1.67
CA PHE B 101 1.10 -15.42 -0.95
C PHE B 101 1.79 -15.01 0.34
N VAL B 102 2.07 -13.71 0.47
CA VAL B 102 2.78 -13.14 1.61
C VAL B 102 1.80 -12.34 2.46
N SER B 103 1.81 -12.58 3.78
CA SER B 103 0.97 -11.84 4.68
C SER B 103 1.80 -11.24 5.80
N ILE B 104 1.63 -9.95 6.03
CA ILE B 104 2.33 -9.24 7.09
C ILE B 104 1.30 -8.79 8.11
N ARG B 105 1.52 -9.14 9.38
CA ARG B 105 0.66 -8.68 10.46
C ARG B 105 1.52 -7.98 11.51
N ASN B 106 1.16 -6.76 11.88
CA ASN B 106 1.91 -5.95 12.84
C ASN B 106 1.00 -5.71 14.03
N SER B 107 1.43 -6.16 15.21
CA SER B 107 0.64 -5.99 16.42
C SER B 107 1.48 -5.32 17.49
N GLY B 108 0.78 -4.79 18.51
CA GLY B 108 1.43 -4.14 19.64
C GLY B 108 0.98 -2.69 19.80
N PHE B 109 -0.16 -2.36 19.20
CA PHE B 109 -0.82 -1.07 19.39
C PHE B 109 -1.52 -1.01 20.75
N VAL B 110 -1.36 0.12 21.45
CA VAL B 110 -1.90 0.25 22.80
C VAL B 110 -2.75 1.52 22.90
N GLY B 111 -3.75 1.47 23.77
CA GLY B 111 -4.93 2.31 23.65
C GLY B 111 -5.97 1.62 22.79
N THR B 112 -7.23 1.92 23.05
CA THR B 112 -8.32 1.45 22.18
C THR B 112 -9.24 2.59 21.75
N PRO B 113 -8.69 3.66 21.13
CA PRO B 113 -9.62 4.64 20.56
C PRO B 113 -9.13 5.26 19.27
N GLU B 114 -9.40 6.51 19.16
CA GLU B 114 -8.78 7.35 18.15
C GLU B 114 -7.33 7.56 18.40
N GLU B 115 -6.77 6.89 19.40
CA GLU B 115 -5.33 6.95 19.59
C GLU B 115 -4.63 5.97 18.65
N VAL B 116 -5.14 4.75 18.55
CA VAL B 116 -4.46 3.74 17.74
C VAL B 116 -4.82 3.78 16.25
N ILE B 117 -5.97 4.32 15.89
CA ILE B 117 -6.40 4.25 14.49
C ILE B 117 -5.42 4.96 13.57
N PRO B 118 -5.01 6.21 13.83
CA PRO B 118 -4.01 6.80 12.93
C PRO B 118 -2.72 5.99 12.86
N ARG B 119 -2.30 5.32 13.95
CA ARG B 119 -1.09 4.51 13.91
C ARG B 119 -1.25 3.20 13.14
N VAL B 120 -2.40 2.54 13.27
CA VAL B 120 -2.66 1.33 12.49
C VAL B 120 -2.76 1.69 11.01
N VAL B 121 -3.28 2.90 10.71
CA VAL B 121 -3.31 3.37 9.34
C VAL B 121 -1.89 3.54 8.82
N ASP B 122 -1.04 4.26 9.57
CA ASP B 122 0.35 4.45 9.17
C ASP B 122 1.04 3.13 8.93
N ALA B 123 0.88 2.17 9.87
CA ALA B 123 1.55 0.87 9.74
C ALA B 123 1.01 0.07 8.56
N THR B 124 -0.31 0.02 8.39
CA THR B 124 -0.89 -0.66 7.24
C THR B 124 -0.38 -0.09 5.93
N GLU B 125 -0.42 1.24 5.80
CA GLU B 125 0.16 1.84 4.60
C GLU B 125 1.61 1.38 4.44
N GLY B 126 2.42 1.52 5.50
CA GLY B 126 3.85 1.19 5.40
C GLY B 126 4.10 -0.24 4.92
N PHE B 127 3.41 -1.23 5.51
CA PHE B 127 3.68 -2.61 5.09
C PHE B 127 3.10 -2.90 3.70
N THR B 128 2.01 -2.21 3.33
CA THR B 128 1.54 -2.31 1.95
C THR B 128 2.59 -1.80 0.98
N LEU B 129 3.26 -0.69 1.33
CA LEU B 129 4.34 -0.24 0.44
C LEU B 129 5.45 -1.27 0.34
N VAL B 130 5.80 -1.92 1.48
CA VAL B 130 6.85 -2.94 1.43
C VAL B 130 6.47 -4.03 0.45
N LEU B 131 5.24 -4.49 0.47
CA LEU B 131 4.90 -5.60 -0.41
C LEU B 131 4.81 -5.21 -1.87
N ALA B 132 4.28 -4.00 -2.16
CA ALA B 132 4.26 -3.53 -3.55
C ALA B 132 5.68 -3.34 -4.10
N GLY B 133 6.58 -2.78 -3.29
CA GLY B 133 7.96 -2.66 -3.71
C GLY B 133 8.60 -4.03 -3.92
N LEU B 134 8.33 -4.96 -2.98
CA LEU B 134 8.75 -6.36 -3.15
C LEU B 134 8.28 -6.89 -4.51
N LYS B 135 6.97 -6.73 -4.80
CA LYS B 135 6.41 -7.25 -6.06
C LYS B 135 7.09 -6.62 -7.26
N ALA B 136 7.27 -5.28 -7.25
CA ALA B 136 7.93 -4.61 -8.39
C ALA B 136 9.36 -5.08 -8.54
N CYS B 137 10.06 -5.25 -7.42
CA CYS B 137 11.45 -5.68 -7.53
C CYS B 137 11.56 -7.14 -8.02
N LEU B 138 10.78 -8.07 -7.44
CA LEU B 138 11.01 -9.47 -7.78
C LEU B 138 10.38 -9.86 -9.12
N GLU B 139 9.29 -9.20 -9.52
CA GLU B 139 8.59 -9.61 -10.74
C GLU B 139 9.06 -8.81 -11.94
N HIS B 140 9.54 -7.57 -11.72
CA HIS B 140 9.94 -6.70 -12.83
C HIS B 140 11.37 -6.18 -12.74
N GLY B 141 12.08 -6.47 -11.65
CA GLY B 141 13.40 -5.94 -11.42
C GLY B 141 13.50 -4.43 -11.35
N ILE B 142 12.47 -3.74 -10.88
CA ILE B 142 12.45 -2.29 -10.86
C ILE B 142 12.47 -1.86 -9.39
N ALA B 143 13.18 -0.77 -9.11
CA ALA B 143 13.16 -0.14 -7.79
C ALA B 143 12.12 0.95 -7.85
N LEU B 144 10.96 0.70 -7.25
CA LEU B 144 9.86 1.70 -7.31
C LEU B 144 10.09 2.88 -6.38
N ASN B 145 10.94 2.72 -5.35
CA ASN B 145 11.33 3.79 -4.44
C ASN B 145 10.14 4.34 -3.65
N LEU B 146 9.20 3.46 -3.31
CA LEU B 146 8.03 3.90 -2.54
C LEU B 146 8.44 4.47 -1.17
N VAL B 147 9.39 3.84 -0.50
CA VAL B 147 9.79 4.27 0.82
C VAL B 147 10.39 5.69 0.80
N ALA B 148 11.36 5.94 -0.07
CA ALA B 148 11.91 7.29 -0.13
C ALA B 148 10.88 8.31 -0.64
N ASP B 149 9.95 7.90 -1.50
CA ASP B 149 9.07 8.92 -2.12
C ASP B 149 7.80 9.13 -1.33
N ARG B 150 7.57 8.32 -0.30
CA ARG B 150 6.44 8.50 0.62
C ARG B 150 6.55 9.81 1.42
N PHE B 151 7.76 10.22 1.81
CA PHE B 151 7.94 11.46 2.62
C PHE B 151 8.98 12.35 1.96
N PRO B 152 8.64 12.93 0.81
CA PRO B 152 9.60 13.74 0.08
C PRO B 152 9.88 15.03 0.83
N ARG B 153 11.14 15.43 0.79
CA ARG B 153 11.55 16.66 1.44
C ARG B 153 11.08 17.82 0.57
N GLY B 154 10.78 18.95 1.20
CA GLY B 154 10.14 20.03 0.48
C GLY B 154 8.74 20.23 1.02
N LEU B 155 7.75 20.25 0.13
CA LEU B 155 6.34 20.33 0.51
C LEU B 155 6.02 21.56 1.38
#